data_5UA8
#
_entry.id   5UA8
#
_entity_poly.entity_id   1
_entity_poly.type   'polypeptide(L)'
_entity_poly.pdbx_seq_one_letter_code
;GVVDILKGAAKDIAGHLASKVMNKL(NH2)
;
_entity_poly.pdbx_strand_id   A
#
# COMPACT_ATOMS: atom_id res chain seq x y z
N GLY A 1 5.62 17.01 -4.16
CA GLY A 1 6.28 16.38 -5.34
C GLY A 1 6.48 14.90 -5.08
N VAL A 2 7.64 14.38 -5.49
CA VAL A 2 7.95 12.97 -5.29
C VAL A 2 8.09 12.66 -3.81
N VAL A 3 8.63 13.60 -3.05
CA VAL A 3 8.81 13.41 -1.61
C VAL A 3 7.48 13.05 -0.95
N ASP A 4 6.47 13.90 -1.18
CA ASP A 4 5.16 13.67 -0.60
C ASP A 4 4.60 12.33 -1.07
N ILE A 5 4.60 12.13 -2.38
CA ILE A 5 4.10 10.90 -2.97
C ILE A 5 4.73 9.68 -2.32
N LEU A 6 5.97 9.82 -1.85
CA LEU A 6 6.67 8.72 -1.21
C LEU A 6 5.88 8.22 0.00
N LYS A 7 5.13 9.12 0.63
CA LYS A 7 4.33 8.76 1.79
C LYS A 7 3.23 7.80 1.40
N GLY A 8 2.61 8.07 0.27
CA GLY A 8 1.53 7.22 -0.23
C GLY A 8 2.04 5.82 -0.55
N ALA A 9 3.33 5.73 -0.87
CA ALA A 9 3.93 4.44 -1.20
C ALA A 9 3.82 3.48 -0.02
N ALA A 10 4.28 3.94 1.15
CA ALA A 10 4.22 3.10 2.34
C ALA A 10 2.80 2.63 2.59
N LYS A 11 1.83 3.47 2.25
CA LYS A 11 0.43 3.13 2.44
C LYS A 11 -0.02 2.11 1.39
N ASP A 12 0.50 2.26 0.18
CA ASP A 12 0.16 1.36 -0.91
C ASP A 12 0.79 -0.01 -0.69
N ILE A 13 2.10 -0.03 -0.51
CA ILE A 13 2.81 -1.29 -0.30
C ILE A 13 2.26 -1.99 0.95
N ALA A 14 2.12 -1.24 2.03
CA ALA A 14 1.60 -1.81 3.28
C ALA A 14 0.14 -2.19 3.10
N GLY A 15 -0.64 -1.29 2.51
CA GLY A 15 -2.05 -1.55 2.29
C GLY A 15 -2.24 -2.78 1.39
N HIS A 16 -1.24 -3.05 0.56
CA HIS A 16 -1.30 -4.19 -0.35
C HIS A 16 -1.44 -5.49 0.45
N LEU A 17 -0.75 -5.56 1.59
CA LEU A 17 -0.81 -6.75 2.43
C LEU A 17 -2.26 -7.12 2.73
N ALA A 18 -3.06 -6.11 3.04
CA ALA A 18 -4.47 -6.33 3.34
C ALA A 18 -5.19 -6.93 2.14
N SER A 19 -4.91 -6.37 0.96
CA SER A 19 -5.53 -6.86 -0.26
C SER A 19 -5.19 -8.33 -0.49
N LYS A 20 -3.95 -8.70 -0.16
CA LYS A 20 -3.51 -10.08 -0.33
C LYS A 20 -4.42 -11.03 0.45
N VAL A 21 -4.86 -10.60 1.62
CA VAL A 21 -5.73 -11.41 2.45
C VAL A 21 -7.10 -11.54 1.79
N MET A 22 -7.54 -10.48 1.13
CA MET A 22 -8.85 -10.49 0.47
C MET A 22 -8.89 -11.57 -0.61
N ASN A 23 -7.85 -11.62 -1.44
CA ASN A 23 -7.79 -12.61 -2.50
C ASN A 23 -7.78 -14.03 -1.92
N LYS A 24 -7.22 -14.18 -0.73
CA LYS A 24 -7.15 -15.48 -0.07
C LYS A 24 -8.52 -15.86 0.49
N LEU A 25 -9.07 -14.99 1.34
CA LEU A 25 -10.37 -15.25 1.96
C LEU A 25 -11.05 -13.94 2.33
N GLY A 1 4.55 18.06 -3.91
CA GLY A 1 4.12 16.64 -4.03
C GLY A 1 5.07 15.75 -3.23
N VAL A 2 6.09 16.37 -2.63
CA VAL A 2 7.06 15.62 -1.85
C VAL A 2 6.36 14.77 -0.79
N VAL A 3 5.30 15.33 -0.20
CA VAL A 3 4.55 14.62 0.83
C VAL A 3 3.73 13.50 0.22
N ASP A 4 3.10 13.79 -0.93
CA ASP A 4 2.28 12.80 -1.61
C ASP A 4 3.13 11.64 -2.09
N ILE A 5 4.23 11.96 -2.76
CA ILE A 5 5.13 10.94 -3.28
C ILE A 5 5.55 9.94 -2.20
N LEU A 6 5.58 10.41 -0.95
CA LEU A 6 5.96 9.55 0.16
C LEU A 6 4.99 8.38 0.31
N LYS A 7 3.73 8.60 -0.07
CA LYS A 7 2.72 7.57 0.03
C LYS A 7 3.05 6.40 -0.90
N GLY A 8 3.49 6.73 -2.10
CA GLY A 8 3.84 5.71 -3.08
C GLY A 8 4.80 4.68 -2.49
N ALA A 9 5.61 5.12 -1.52
CA ALA A 9 6.58 4.23 -0.88
C ALA A 9 5.87 3.26 0.06
N ALA A 10 5.05 3.80 0.96
CA ALA A 10 4.33 2.96 1.91
C ALA A 10 3.29 2.10 1.19
N LYS A 11 2.61 2.69 0.22
CA LYS A 11 1.59 1.98 -0.55
C LYS A 11 2.14 0.65 -1.05
N ASP A 12 3.42 0.65 -1.44
CA ASP A 12 4.05 -0.56 -1.96
C ASP A 12 3.96 -1.69 -0.93
N ILE A 13 4.24 -1.37 0.33
CA ILE A 13 4.20 -2.36 1.39
C ILE A 13 2.75 -2.68 1.76
N ALA A 14 1.96 -1.63 2.01
CA ALA A 14 0.57 -1.82 2.37
C ALA A 14 -0.16 -2.66 1.32
N GLY A 15 0.08 -2.35 0.05
CA GLY A 15 -0.55 -3.10 -1.03
C GLY A 15 -0.29 -4.59 -0.89
N HIS A 16 0.92 -4.94 -0.45
CA HIS A 16 1.28 -6.35 -0.29
C HIS A 16 0.44 -6.99 0.82
N LEU A 17 0.36 -6.32 1.96
CA LEU A 17 -0.41 -6.83 3.09
C LEU A 17 -1.88 -6.98 2.70
N ALA A 18 -2.40 -6.01 1.96
CA ALA A 18 -3.79 -6.05 1.54
C ALA A 18 -4.09 -7.35 0.80
N SER A 19 -3.06 -7.96 0.22
CA SER A 19 -3.23 -9.21 -0.50
C SER A 19 -3.91 -10.25 0.37
N LYS A 20 -3.45 -10.37 1.62
CA LYS A 20 -4.02 -11.33 2.56
C LYS A 20 -5.51 -11.05 2.76
N VAL A 21 -5.86 -9.79 2.95
CA VAL A 21 -7.24 -9.41 3.16
C VAL A 21 -8.04 -9.55 1.87
N MET A 22 -7.38 -9.28 0.74
CA MET A 22 -8.03 -9.37 -0.56
C MET A 22 -8.58 -10.78 -0.78
N ASN A 23 -7.74 -11.78 -0.51
CA ASN A 23 -8.14 -13.17 -0.69
C ASN A 23 -9.29 -13.52 0.25
N LYS A 24 -9.34 -12.84 1.40
CA LYS A 24 -10.40 -13.09 2.38
C LYS A 24 -11.69 -12.39 1.95
N LEU A 25 -11.61 -11.09 1.73
CA LEU A 25 -12.78 -10.32 1.32
C LEU A 25 -12.36 -9.07 0.54
N GLY A 1 4.64 18.39 -3.60
CA GLY A 1 4.47 17.16 -4.42
C GLY A 1 5.30 16.03 -3.84
N VAL A 2 6.56 16.32 -3.55
CA VAL A 2 7.45 15.32 -2.98
C VAL A 2 6.84 14.69 -1.74
N VAL A 3 6.10 15.48 -0.99
CA VAL A 3 5.46 14.99 0.22
C VAL A 3 4.45 13.88 -0.11
N ASP A 4 3.53 14.18 -1.02
CA ASP A 4 2.52 13.21 -1.42
C ASP A 4 3.18 11.93 -1.90
N ILE A 5 4.15 12.07 -2.79
CA ILE A 5 4.86 10.92 -3.34
C ILE A 5 5.38 10.02 -2.22
N LEU A 6 5.67 10.61 -1.05
CA LEU A 6 6.18 9.85 0.08
C LEU A 6 5.17 8.78 0.50
N LYS A 7 3.89 9.05 0.27
CA LYS A 7 2.84 8.11 0.64
C LYS A 7 3.01 6.79 -0.11
N GLY A 8 3.28 6.91 -1.40
CA GLY A 8 3.46 5.73 -2.25
C GLY A 8 4.36 4.70 -1.57
N ALA A 9 5.10 5.16 -0.56
CA ALA A 9 6.00 4.27 0.17
C ALA A 9 5.22 3.19 0.90
N ALA A 10 4.24 3.61 1.70
CA ALA A 10 3.43 2.67 2.46
C ALA A 10 2.63 1.77 1.52
N LYS A 11 2.19 2.33 0.40
CA LYS A 11 1.42 1.56 -0.57
C LYS A 11 2.21 0.36 -1.07
N ASP A 12 3.52 0.54 -1.22
CA ASP A 12 4.38 -0.54 -1.69
C ASP A 12 4.26 -1.75 -0.77
N ILE A 13 4.36 -1.51 0.53
CA ILE A 13 4.26 -2.60 1.51
C ILE A 13 2.80 -3.01 1.70
N ALA A 14 1.95 -2.03 1.96
CA ALA A 14 0.52 -2.30 2.16
C ALA A 14 -0.06 -3.02 0.95
N GLY A 15 0.49 -2.74 -0.23
CA GLY A 15 0.02 -3.36 -1.45
C GLY A 15 -0.08 -4.88 -1.29
N HIS A 16 0.93 -5.46 -0.64
CA HIS A 16 0.95 -6.90 -0.42
C HIS A 16 -0.02 -7.29 0.70
N LEU A 17 0.06 -6.58 1.81
CA LEU A 17 -0.81 -6.85 2.95
C LEU A 17 -2.28 -6.77 2.53
N ALA A 18 -2.58 -5.81 1.66
CA ALA A 18 -3.96 -5.64 1.19
C ALA A 18 -4.42 -6.89 0.45
N SER A 19 -3.60 -7.36 -0.48
CA SER A 19 -3.95 -8.54 -1.26
C SER A 19 -4.28 -9.71 -0.33
N LYS A 20 -3.54 -9.82 0.77
CA LYS A 20 -3.77 -10.89 1.73
C LYS A 20 -5.20 -10.81 2.27
N VAL A 21 -5.61 -9.62 2.68
CA VAL A 21 -6.95 -9.43 3.22
C VAL A 21 -7.99 -9.55 2.12
N MET A 22 -7.62 -9.11 0.91
CA MET A 22 -8.53 -9.18 -0.22
C MET A 22 -8.91 -10.62 -0.54
N ASN A 23 -7.90 -11.49 -0.58
CA ASN A 23 -8.13 -12.89 -0.87
C ASN A 23 -9.02 -13.52 0.20
N LYS A 24 -8.83 -13.11 1.44
CA LYS A 24 -9.62 -13.63 2.55
C LYS A 24 -11.07 -13.19 2.42
N LEU A 25 -11.27 -11.88 2.29
CA LEU A 25 -12.62 -11.33 2.17
C LEU A 25 -12.59 -9.98 1.48
N GLY A 1 6.39 18.35 -2.20
CA GLY A 1 6.16 17.81 -3.56
C GLY A 1 6.60 16.35 -3.61
N VAL A 2 7.89 16.14 -3.90
CA VAL A 2 8.43 14.79 -3.97
C VAL A 2 8.37 14.11 -2.60
N VAL A 3 8.50 14.90 -1.54
CA VAL A 3 8.46 14.37 -0.19
C VAL A 3 7.13 13.66 0.07
N ASP A 4 6.03 14.37 -0.18
CA ASP A 4 4.71 13.78 0.03
C ASP A 4 4.51 12.56 -0.85
N ILE A 5 4.87 12.68 -2.13
CA ILE A 5 4.72 11.57 -3.06
C ILE A 5 5.40 10.31 -2.53
N LEU A 6 6.46 10.49 -1.76
CA LEU A 6 7.20 9.36 -1.20
C LEU A 6 6.27 8.49 -0.36
N LYS A 7 5.26 9.11 0.25
CA LYS A 7 4.31 8.39 1.08
C LYS A 7 3.57 7.35 0.27
N GLY A 8 3.16 7.74 -0.93
CA GLY A 8 2.43 6.84 -1.82
C GLY A 8 3.01 5.43 -1.78
N ALA A 9 4.32 5.35 -1.58
CA ALA A 9 4.99 4.06 -1.52
C ALA A 9 4.44 3.22 -0.37
N ALA A 10 4.33 3.82 0.80
CA ALA A 10 3.81 3.13 1.97
C ALA A 10 2.41 2.59 1.71
N LYS A 11 1.65 3.31 0.88
CA LYS A 11 0.29 2.90 0.55
C LYS A 11 0.31 1.68 -0.37
N ASP A 12 1.27 1.64 -1.29
CA ASP A 12 1.39 0.52 -2.22
C ASP A 12 1.64 -0.78 -1.46
N ILE A 13 2.68 -0.79 -0.63
CA ILE A 13 3.00 -1.99 0.15
C ILE A 13 1.84 -2.34 1.08
N ALA A 14 1.30 -1.34 1.76
CA ALA A 14 0.20 -1.57 2.68
C ALA A 14 -1.01 -2.13 1.94
N GLY A 15 -1.46 -1.41 0.92
CA GLY A 15 -2.61 -1.86 0.13
C GLY A 15 -2.34 -3.22 -0.49
N HIS A 16 -1.10 -3.68 -0.39
CA HIS A 16 -0.74 -4.97 -0.96
C HIS A 16 -1.20 -6.11 -0.04
N LEU A 17 -1.08 -5.89 1.27
CA LEU A 17 -1.48 -6.89 2.24
C LEU A 17 -2.99 -7.13 2.18
N ALA A 18 -3.75 -6.04 2.06
CA ALA A 18 -5.20 -6.14 2.00
C ALA A 18 -5.62 -7.16 0.95
N SER A 19 -5.05 -7.05 -0.25
CA SER A 19 -5.38 -7.97 -1.33
C SER A 19 -5.20 -9.41 -0.88
N LYS A 20 -4.12 -9.67 -0.14
CA LYS A 20 -3.85 -11.01 0.35
C LYS A 20 -4.96 -11.49 1.27
N VAL A 21 -5.26 -10.71 2.30
CA VAL A 21 -6.31 -11.06 3.25
C VAL A 21 -7.65 -11.21 2.55
N MET A 22 -7.91 -10.32 1.59
CA MET A 22 -9.16 -10.38 0.83
C MET A 22 -9.27 -11.70 0.08
N ASN A 23 -8.20 -12.07 -0.60
CA ASN A 23 -8.19 -13.32 -1.36
C ASN A 23 -8.06 -14.52 -0.43
N LYS A 24 -7.35 -14.33 0.68
CA LYS A 24 -7.15 -15.40 1.65
C LYS A 24 -8.28 -15.43 2.68
N LEU A 25 -9.13 -14.39 2.64
CA LEU A 25 -10.25 -14.28 3.58
C LEU A 25 -10.00 -15.09 4.85
N GLY A 1 7.95 18.05 -1.13
CA GLY A 1 7.22 17.32 -2.21
C GLY A 1 7.54 15.83 -2.12
N VAL A 2 8.83 15.51 -2.15
CA VAL A 2 9.25 14.12 -2.07
C VAL A 2 8.74 13.46 -0.80
N VAL A 3 8.64 14.25 0.27
CA VAL A 3 8.16 13.73 1.55
C VAL A 3 6.73 13.21 1.41
N ASP A 4 5.85 14.07 0.89
CA ASP A 4 4.45 13.69 0.72
C ASP A 4 4.32 12.53 -0.27
N ILE A 5 4.98 12.68 -1.41
CA ILE A 5 4.94 11.65 -2.45
C ILE A 5 5.30 10.28 -1.88
N LEU A 6 6.12 10.27 -0.84
CA LEU A 6 6.53 9.01 -0.23
C LEU A 6 5.31 8.25 0.31
N LYS A 7 4.28 9.00 0.71
CA LYS A 7 3.07 8.38 1.24
C LYS A 7 2.34 7.63 0.15
N GLY A 8 2.28 8.23 -1.03
CA GLY A 8 1.60 7.61 -2.16
C GLY A 8 2.26 6.29 -2.54
N ALA A 9 3.58 6.26 -2.48
CA ALA A 9 4.32 5.04 -2.81
C ALA A 9 4.00 3.92 -1.82
N ALA A 10 4.04 4.25 -0.53
CA ALA A 10 3.75 3.26 0.50
C ALA A 10 2.39 2.62 0.25
N LYS A 11 1.48 3.36 -0.36
CA LYS A 11 0.15 2.85 -0.64
C LYS A 11 0.20 1.83 -1.78
N ASP A 12 1.07 2.09 -2.75
CA ASP A 12 1.21 1.19 -3.89
C ASP A 12 1.56 -0.22 -3.43
N ILE A 13 2.59 -0.33 -2.60
CA ILE A 13 3.01 -1.63 -2.10
C ILE A 13 2.02 -2.14 -1.04
N ALA A 14 1.76 -1.30 -0.05
CA ALA A 14 0.83 -1.67 1.03
C ALA A 14 -0.48 -2.17 0.44
N GLY A 15 -0.92 -1.54 -0.64
CA GLY A 15 -2.16 -1.93 -1.30
C GLY A 15 -2.20 -3.42 -1.56
N HIS A 16 -1.03 -4.02 -1.77
CA HIS A 16 -0.95 -5.46 -2.04
C HIS A 16 -1.35 -6.24 -0.79
N LEU A 17 -0.92 -5.76 0.37
CA LEU A 17 -1.24 -6.43 1.63
C LEU A 17 -2.72 -6.75 1.71
N ALA A 18 -3.54 -5.87 1.14
CA ALA A 18 -4.99 -6.07 1.16
C ALA A 18 -5.35 -7.39 0.47
N SER A 19 -4.60 -7.74 -0.56
CA SER A 19 -4.85 -8.97 -1.30
C SER A 19 -4.73 -10.18 -0.38
N LYS A 20 -3.68 -10.19 0.44
CA LYS A 20 -3.45 -11.29 1.37
C LYS A 20 -4.63 -11.43 2.33
N VAL A 21 -5.10 -10.30 2.84
CA VAL A 21 -6.23 -10.31 3.77
C VAL A 21 -7.49 -10.85 3.09
N MET A 22 -7.69 -10.43 1.85
CA MET A 22 -8.87 -10.87 1.09
C MET A 22 -8.85 -12.39 0.94
N ASN A 23 -7.71 -12.93 0.54
CA ASN A 23 -7.57 -14.36 0.35
C ASN A 23 -7.75 -15.10 1.66
N LYS A 24 -7.23 -14.52 2.74
CA LYS A 24 -7.33 -15.13 4.06
C LYS A 24 -8.77 -15.07 4.56
N LEU A 25 -9.44 -13.94 4.34
CA LEU A 25 -10.82 -13.78 4.77
C LEU A 25 -11.51 -12.69 3.96
N GLY A 1 4.56 17.88 -4.06
CA GLY A 1 5.84 17.85 -3.29
C GLY A 1 6.36 16.43 -3.22
N VAL A 2 7.66 16.29 -3.00
CA VAL A 2 8.28 14.97 -2.92
C VAL A 2 7.75 14.20 -1.72
N VAL A 3 7.52 14.91 -0.62
CA VAL A 3 7.01 14.29 0.60
C VAL A 3 5.67 13.61 0.32
N ASP A 4 4.84 14.25 -0.50
CA ASP A 4 3.53 13.69 -0.83
C ASP A 4 3.68 12.38 -1.59
N ILE A 5 4.52 12.38 -2.62
CA ILE A 5 4.74 11.19 -3.42
C ILE A 5 5.10 9.99 -2.54
N LEU A 6 5.72 10.25 -1.40
CA LEU A 6 6.11 9.19 -0.48
C LEU A 6 4.89 8.42 0.02
N LYS A 7 3.75 9.11 0.10
CA LYS A 7 2.53 8.47 0.58
C LYS A 7 2.16 7.30 -0.30
N GLY A 8 2.21 7.51 -1.60
CA GLY A 8 1.88 6.47 -2.56
C GLY A 8 2.86 5.31 -2.48
N ALA A 9 4.05 5.58 -1.95
CA ALA A 9 5.07 4.55 -1.82
C ALA A 9 4.71 3.58 -0.69
N ALA A 10 4.43 4.13 0.49
CA ALA A 10 4.08 3.31 1.64
C ALA A 10 2.87 2.43 1.32
N LYS A 11 2.00 2.92 0.44
CA LYS A 11 0.81 2.20 0.05
C LYS A 11 1.19 0.92 -0.70
N ASP A 12 2.23 0.99 -1.50
CA ASP A 12 2.68 -0.16 -2.27
C ASP A 12 3.00 -1.34 -1.35
N ILE A 13 3.78 -1.08 -0.31
CA ILE A 13 4.15 -2.12 0.64
C ILE A 13 2.96 -2.52 1.50
N ALA A 14 2.28 -1.51 2.06
CA ALA A 14 1.13 -1.77 2.91
C ALA A 14 0.04 -2.51 2.13
N GLY A 15 -0.37 -1.94 1.01
CA GLY A 15 -1.40 -2.56 0.18
C GLY A 15 -0.98 -3.94 -0.29
N HIS A 16 0.27 -4.31 0.01
CA HIS A 16 0.79 -5.61 -0.39
C HIS A 16 0.27 -6.70 0.53
N LEU A 17 0.33 -6.46 1.84
CA LEU A 17 -0.13 -7.42 2.83
C LEU A 17 -1.62 -7.66 2.68
N ALA A 18 -2.38 -6.56 2.55
CA ALA A 18 -3.83 -6.67 2.41
C ALA A 18 -4.19 -7.64 1.29
N SER A 19 -3.28 -7.80 0.34
CA SER A 19 -3.52 -8.70 -0.78
C SER A 19 -3.92 -10.09 -0.28
N LYS A 20 -3.27 -10.53 0.79
CA LYS A 20 -3.56 -11.84 1.35
C LYS A 20 -4.99 -11.90 1.87
N VAL A 21 -5.36 -10.91 2.68
CA VAL A 21 -6.71 -10.85 3.24
C VAL A 21 -7.74 -10.62 2.14
N MET A 22 -7.35 -9.85 1.13
CA MET A 22 -8.25 -9.56 0.02
C MET A 22 -8.82 -10.84 -0.56
N ASN A 23 -7.92 -11.81 -0.79
CA ASN A 23 -8.33 -13.09 -1.34
C ASN A 23 -9.26 -13.82 -0.38
N LYS A 24 -9.08 -13.57 0.92
CA LYS A 24 -9.91 -14.22 1.94
C LYS A 24 -11.30 -13.59 1.98
N LEU A 25 -11.34 -12.29 2.29
CA LEU A 25 -12.61 -11.58 2.36
C LEU A 25 -12.41 -10.09 2.12
N GLY A 1 5.09 18.39 -3.05
CA GLY A 1 4.59 17.11 -3.61
C GLY A 1 5.64 16.02 -3.46
N VAL A 2 6.90 16.41 -3.57
CA VAL A 2 8.00 15.47 -3.43
C VAL A 2 7.92 14.74 -2.09
N VAL A 3 7.45 15.46 -1.07
CA VAL A 3 7.33 14.87 0.26
C VAL A 3 6.20 13.84 0.29
N ASP A 4 5.08 14.20 -0.33
CA ASP A 4 3.93 13.30 -0.37
C ASP A 4 4.27 12.03 -1.15
N ILE A 5 4.90 12.21 -2.30
CA ILE A 5 5.27 11.07 -3.13
C ILE A 5 6.04 10.03 -2.35
N LEU A 6 6.88 10.49 -1.41
CA LEU A 6 7.68 9.59 -0.61
C LEU A 6 6.78 8.67 0.23
N LYS A 7 5.62 9.19 0.63
CA LYS A 7 4.68 8.42 1.42
C LYS A 7 3.99 7.39 0.54
N GLY A 8 3.70 7.76 -0.70
CA GLY A 8 3.04 6.88 -1.64
C GLY A 8 3.74 5.52 -1.69
N ALA A 9 4.97 5.48 -1.21
CA ALA A 9 5.74 4.24 -1.21
C ALA A 9 5.10 3.20 -0.29
N ALA A 10 4.84 3.61 0.95
CA ALA A 10 4.21 2.71 1.92
C ALA A 10 2.85 2.24 1.42
N LYS A 11 2.19 3.08 0.64
CA LYS A 11 0.88 2.75 0.10
C LYS A 11 0.96 1.51 -0.79
N ASP A 12 2.04 1.39 -1.55
CA ASP A 12 2.22 0.25 -2.44
C ASP A 12 2.18 -1.05 -1.65
N ILE A 13 2.92 -1.10 -0.55
CA ILE A 13 2.97 -2.30 0.28
C ILE A 13 1.67 -2.43 1.08
N ALA A 14 1.22 -1.33 1.66
CA ALA A 14 -0.01 -1.34 2.45
C ALA A 14 -1.16 -1.93 1.64
N GLY A 15 -1.41 -1.35 0.46
CA GLY A 15 -2.47 -1.83 -0.41
C GLY A 15 -2.24 -3.28 -0.81
N HIS A 16 -1.02 -3.58 -1.22
CA HIS A 16 -0.66 -4.93 -1.63
C HIS A 16 -0.96 -5.93 -0.51
N LEU A 17 -0.93 -5.46 0.73
CA LEU A 17 -1.19 -6.32 1.88
C LEU A 17 -2.66 -6.73 1.91
N ALA A 18 -3.53 -5.81 1.48
CA ALA A 18 -4.97 -6.09 1.46
C ALA A 18 -5.27 -7.31 0.59
N SER A 19 -4.45 -7.50 -0.45
CA SER A 19 -4.64 -8.62 -1.36
C SER A 19 -4.62 -9.93 -0.58
N LYS A 20 -3.74 -10.00 0.42
CA LYS A 20 -3.63 -11.21 1.24
C LYS A 20 -4.93 -11.48 1.98
N VAL A 21 -5.42 -10.47 2.69
CA VAL A 21 -6.66 -10.62 3.45
C VAL A 21 -7.82 -10.92 2.51
N MET A 22 -7.77 -10.35 1.30
CA MET A 22 -8.83 -10.55 0.33
C MET A 22 -8.88 -12.02 -0.11
N ASN A 23 -7.73 -12.58 -0.44
CA ASN A 23 -7.65 -13.96 -0.86
C ASN A 23 -8.20 -14.90 0.20
N LYS A 24 -7.87 -14.62 1.46
CA LYS A 24 -8.34 -15.45 2.57
C LYS A 24 -9.84 -15.26 2.78
N LEU A 25 -10.23 -14.05 3.15
CA LEU A 25 -11.64 -13.74 3.37
C LEU A 25 -11.87 -12.23 3.39
N GLY A 1 5.77 18.14 -4.00
CA GLY A 1 4.97 16.92 -3.71
C GLY A 1 5.91 15.79 -3.30
N VAL A 2 7.17 16.12 -3.10
CA VAL A 2 8.16 15.12 -2.70
C VAL A 2 7.68 14.35 -1.48
N VAL A 3 6.99 15.04 -0.59
CA VAL A 3 6.47 14.41 0.62
C VAL A 3 5.35 13.43 0.29
N ASP A 4 4.48 13.83 -0.62
CA ASP A 4 3.36 12.98 -1.02
C ASP A 4 3.87 11.65 -1.58
N ILE A 5 4.90 11.74 -2.42
CA ILE A 5 5.48 10.56 -3.03
C ILE A 5 5.85 9.53 -1.96
N LEU A 6 6.44 10.00 -0.88
CA LEU A 6 6.84 9.11 0.20
C LEU A 6 5.62 8.52 0.89
N LYS A 7 4.53 9.28 0.91
CA LYS A 7 3.30 8.83 1.53
C LYS A 7 2.69 7.67 0.74
N GLY A 8 2.49 7.89 -0.56
CA GLY A 8 1.92 6.86 -1.41
C GLY A 8 2.84 5.66 -1.51
N ALA A 9 4.13 5.89 -1.25
CA ALA A 9 5.11 4.81 -1.31
C ALA A 9 4.66 3.63 -0.44
N ALA A 10 4.15 3.94 0.74
CA ALA A 10 3.68 2.91 1.66
C ALA A 10 2.55 2.11 1.03
N LYS A 11 1.78 2.76 0.16
CA LYS A 11 0.67 2.11 -0.50
C LYS A 11 1.16 0.91 -1.30
N ASP A 12 2.32 1.05 -1.92
CA ASP A 12 2.90 -0.03 -2.72
C ASP A 12 3.12 -1.27 -1.85
N ILE A 13 3.67 -1.06 -0.66
CA ILE A 13 3.93 -2.17 0.25
C ILE A 13 2.63 -2.61 0.93
N ALA A 14 1.97 -1.66 1.59
CA ALA A 14 0.72 -1.96 2.28
C ALA A 14 -0.31 -2.51 1.30
N GLY A 15 -0.38 -1.90 0.12
CA GLY A 15 -1.34 -2.33 -0.89
C GLY A 15 -1.21 -3.83 -1.15
N HIS A 16 0.03 -4.30 -1.25
CA HIS A 16 0.27 -5.72 -1.50
C HIS A 16 -0.24 -6.56 -0.34
N LEU A 17 -0.16 -6.01 0.87
CA LEU A 17 -0.62 -6.72 2.04
C LEU A 17 -2.14 -6.85 2.04
N ALA A 18 -2.80 -5.87 1.44
CA ALA A 18 -4.26 -5.88 1.36
C ALA A 18 -4.75 -7.11 0.61
N SER A 19 -4.09 -7.40 -0.52
CA SER A 19 -4.47 -8.56 -1.33
C SER A 19 -4.41 -9.83 -0.50
N LYS A 20 -3.45 -9.90 0.42
CA LYS A 20 -3.30 -11.07 1.28
C LYS A 20 -4.58 -11.30 2.09
N VAL A 21 -5.06 -10.24 2.72
CA VAL A 21 -6.28 -10.34 3.53
C VAL A 21 -7.51 -10.46 2.64
N MET A 22 -7.47 -9.81 1.49
CA MET A 22 -8.59 -9.84 0.56
C MET A 22 -8.87 -11.28 0.11
N ASN A 23 -7.82 -11.99 -0.27
CA ASN A 23 -7.95 -13.36 -0.71
C ASN A 23 -8.68 -14.20 0.34
N LYS A 24 -8.47 -13.85 1.61
CA LYS A 24 -9.11 -14.57 2.71
C LYS A 24 -10.57 -14.17 2.83
N LEU A 25 -10.81 -12.87 3.01
CA LEU A 25 -12.18 -12.37 3.14
C LEU A 25 -12.20 -10.86 2.97
N GLY A 1 4.09 17.75 -3.11
CA GLY A 1 4.20 17.06 -4.42
C GLY A 1 5.19 15.89 -4.30
N VAL A 2 6.42 16.13 -4.72
CA VAL A 2 7.45 15.10 -4.66
C VAL A 2 7.56 14.54 -3.24
N VAL A 3 7.33 15.40 -2.25
CA VAL A 3 7.40 14.97 -0.86
C VAL A 3 6.22 14.08 -0.51
N ASP A 4 5.01 14.56 -0.77
CA ASP A 4 3.80 13.80 -0.48
C ASP A 4 3.82 12.47 -1.22
N ILE A 5 4.08 12.53 -2.52
CA ILE A 5 4.11 11.32 -3.35
C ILE A 5 5.05 10.28 -2.75
N LEU A 6 6.08 10.73 -2.04
CA LEU A 6 7.03 9.82 -1.43
C LEU A 6 6.33 8.89 -0.43
N LYS A 7 5.27 9.39 0.18
CA LYS A 7 4.52 8.61 1.16
C LYS A 7 3.83 7.43 0.48
N GLY A 8 3.28 7.70 -0.70
CA GLY A 8 2.58 6.68 -1.46
C GLY A 8 3.36 5.38 -1.46
N ALA A 9 4.65 5.46 -1.14
CA ALA A 9 5.50 4.27 -1.10
C ALA A 9 5.03 3.33 0.00
N ALA A 10 4.83 3.86 1.20
CA ALA A 10 4.39 3.06 2.33
C ALA A 10 3.11 2.31 1.97
N LYS A 11 2.24 2.94 1.19
CA LYS A 11 1.00 2.32 0.79
C LYS A 11 1.27 1.04 0.00
N ASP A 12 2.31 1.06 -0.81
CA ASP A 12 2.67 -0.10 -1.62
C ASP A 12 2.90 -1.32 -0.73
N ILE A 13 3.59 -1.11 0.39
CA ILE A 13 3.86 -2.21 1.31
C ILE A 13 2.61 -2.57 2.09
N ALA A 14 1.98 -1.58 2.72
CA ALA A 14 0.77 -1.81 3.48
C ALA A 14 -0.29 -2.49 2.62
N GLY A 15 -0.44 -1.99 1.40
CA GLY A 15 -1.43 -2.55 0.48
C GLY A 15 -1.14 -4.02 0.21
N HIS A 16 0.13 -4.34 -0.02
CA HIS A 16 0.53 -5.72 -0.28
C HIS A 16 -0.01 -6.65 0.81
N LEU A 17 -0.04 -6.15 2.04
CA LEU A 17 -0.54 -6.94 3.16
C LEU A 17 -2.02 -7.24 3.00
N ALA A 18 -2.78 -6.23 2.57
CA ALA A 18 -4.21 -6.40 2.37
C ALA A 18 -4.49 -7.53 1.37
N SER A 19 -3.48 -7.86 0.57
CA SER A 19 -3.62 -8.91 -0.42
C SER A 19 -4.11 -10.20 0.23
N LYS A 20 -3.62 -10.48 1.43
CA LYS A 20 -4.03 -11.68 2.15
C LYS A 20 -5.54 -11.72 2.31
N VAL A 21 -6.13 -10.59 2.69
CA VAL A 21 -7.58 -10.52 2.87
C VAL A 21 -8.29 -10.63 1.53
N MET A 22 -7.80 -9.90 0.54
CA MET A 22 -8.40 -9.93 -0.79
C MET A 22 -8.55 -11.37 -1.27
N ASN A 23 -7.52 -12.18 -1.02
CA ASN A 23 -7.54 -13.58 -1.43
C ASN A 23 -8.68 -14.33 -0.74
N LYS A 24 -8.88 -14.05 0.54
CA LYS A 24 -9.94 -14.70 1.30
C LYS A 24 -11.29 -14.11 0.94
N LEU A 25 -11.43 -12.80 1.11
CA LEU A 25 -12.69 -12.12 0.81
C LEU A 25 -12.43 -10.66 0.45
N GLY A 1 3.59 17.05 -3.82
CA GLY A 1 4.97 17.20 -4.34
C GLY A 1 5.76 15.93 -4.10
N VAL A 2 7.08 16.00 -4.27
CA VAL A 2 7.94 14.84 -4.06
C VAL A 2 7.79 14.31 -2.65
N VAL A 3 7.54 15.21 -1.70
CA VAL A 3 7.38 14.81 -0.30
C VAL A 3 6.18 13.89 -0.14
N ASP A 4 5.03 14.34 -0.63
CA ASP A 4 3.80 13.55 -0.54
C ASP A 4 3.99 12.19 -1.20
N ILE A 5 4.51 12.21 -2.43
CA ILE A 5 4.73 10.99 -3.18
C ILE A 5 5.55 9.99 -2.36
N LEU A 6 6.40 10.51 -1.48
CA LEU A 6 7.23 9.65 -0.65
C LEU A 6 6.35 8.73 0.20
N LYS A 7 5.16 9.19 0.53
CA LYS A 7 4.23 8.40 1.34
C LYS A 7 3.71 7.22 0.54
N GLY A 8 3.44 7.47 -0.73
CA GLY A 8 2.93 6.43 -1.62
C GLY A 8 3.71 5.13 -1.44
N ALA A 9 4.92 5.25 -0.91
CA ALA A 9 5.77 4.08 -0.69
C ALA A 9 5.10 3.11 0.29
N ALA A 10 4.68 3.63 1.43
CA ALA A 10 4.02 2.82 2.45
C ALA A 10 2.75 2.19 1.89
N LYS A 11 2.12 2.89 0.95
CA LYS A 11 0.89 2.40 0.34
C LYS A 11 1.13 1.08 -0.37
N ASP A 12 2.30 0.95 -1.00
CA ASP A 12 2.63 -0.27 -1.73
C ASP A 12 2.60 -1.48 -0.79
N ILE A 13 3.17 -1.31 0.40
CA ILE A 13 3.21 -2.39 1.37
C ILE A 13 1.82 -2.63 1.96
N ALA A 14 1.23 -1.57 2.50
CA ALA A 14 -0.10 -1.68 3.10
C ALA A 14 -1.13 -2.05 2.04
N GLY A 15 -0.91 -1.60 0.81
CA GLY A 15 -1.83 -1.90 -0.28
C GLY A 15 -1.82 -3.38 -0.61
N HIS A 16 -0.70 -3.87 -1.13
CA HIS A 16 -0.58 -5.28 -1.49
C HIS A 16 -0.90 -6.17 -0.30
N LEU A 17 -0.30 -5.85 0.84
CA LEU A 17 -0.52 -6.63 2.07
C LEU A 17 -2.02 -6.81 2.30
N ALA A 18 -2.80 -5.79 1.94
CA ALA A 18 -4.24 -5.85 2.13
C ALA A 18 -4.88 -6.79 1.10
N SER A 19 -4.25 -6.90 -0.06
CA SER A 19 -4.77 -7.76 -1.12
C SER A 19 -4.86 -9.20 -0.63
N LYS A 20 -3.94 -9.59 0.23
CA LYS A 20 -3.93 -10.95 0.76
C LYS A 20 -5.26 -11.27 1.45
N VAL A 21 -5.67 -10.37 2.35
CA VAL A 21 -6.92 -10.57 3.07
C VAL A 21 -8.10 -10.64 2.11
N MET A 22 -8.06 -9.80 1.07
CA MET A 22 -9.12 -9.77 0.08
C MET A 22 -9.25 -11.14 -0.59
N ASN A 23 -8.12 -11.70 -0.99
CA ASN A 23 -8.12 -13.01 -1.65
C ASN A 23 -8.31 -14.13 -0.64
N LYS A 24 -7.82 -13.91 0.59
CA LYS A 24 -7.95 -14.92 1.64
C LYS A 24 -9.25 -14.74 2.42
N LEU A 25 -9.94 -13.64 2.15
CA LEU A 25 -11.21 -13.33 2.83
C LEU A 25 -11.31 -14.06 4.17
#